data_2JP5
#
_entry.id   2JP5
#
_cell.length_a   1.000
_cell.length_b   1.000
_cell.length_c   1.000
_cell.angle_alpha   90.00
_cell.angle_beta   90.00
_cell.angle_gamma   90.00
#
_symmetry.space_group_name_H-M   'P 1'
#
_entity_poly.entity_id   1
_entity_poly.type   'polypeptide(L)'
_entity_poly.pdbx_seq_one_letter_code
;ATWLPPR
;
_entity_poly.pdbx_strand_id   A
#
# COMPACT_ATOMS: atom_id res chain seq x y z
N ALA A 1 0.10 -1.78 -8.98
CA ALA A 1 0.71 -0.59 -8.43
C ALA A 1 1.89 -0.99 -7.55
N THR A 2 2.20 -0.11 -6.60
CA THR A 2 3.29 -0.36 -5.68
C THR A 2 3.05 0.36 -4.34
N TRP A 3 3.88 0.03 -3.38
CA TRP A 3 3.76 0.63 -2.06
C TRP A 3 2.31 0.56 -1.64
N LEU A 4 1.93 -0.58 -1.06
CA LEU A 4 0.56 -0.77 -0.61
C LEU A 4 0.44 -0.32 0.84
N PRO A 5 -0.34 0.78 1.03
CA PRO A 5 -0.55 1.33 2.37
C PRO A 5 -1.52 0.46 3.17
N PRO A 6 -1.19 0.29 4.48
CA PRO A 6 -2.01 -0.51 5.37
C PRO A 6 -3.29 0.23 5.75
N ARG A 7 -4.40 -0.48 5.65
CA ARG A 7 -5.69 0.10 5.98
C ARG A 7 -5.99 1.30 5.07
N ALA A 1 -0.86 -1.65 -8.51
CA ALA A 1 -0.27 -0.43 -7.99
C ALA A 1 1.03 -0.77 -7.26
N THR A 2 1.40 0.10 -6.33
CA THR A 2 2.62 -0.10 -5.57
C THR A 2 2.51 0.56 -4.19
N TRP A 3 3.47 0.27 -3.34
CA TRP A 3 3.49 0.83 -2.00
C TRP A 3 2.10 0.64 -1.40
N LEU A 4 1.89 -0.53 -0.82
CA LEU A 4 0.61 -0.85 -0.20
C LEU A 4 0.64 -0.44 1.26
N PRO A 5 -0.19 0.59 1.59
CA PRO A 5 -0.26 1.10 2.96
C PRO A 5 -1.05 0.13 3.85
N PRO A 6 -0.53 -0.04 5.10
CA PRO A 6 -1.18 -0.93 6.06
C PRO A 6 -2.45 -0.29 6.62
N ARG A 7 -3.42 -1.15 6.93
CA ARG A 7 -4.69 -0.68 7.48
C ARG A 7 -4.64 -0.73 9.00
N ALA A 1 -0.18 -1.69 -8.95
CA ALA A 1 0.50 -0.53 -8.43
C ALA A 1 1.68 -1.00 -7.55
N THR A 2 2.05 -0.13 -6.62
CA THR A 2 3.15 -0.43 -5.71
C THR A 2 2.96 0.30 -4.38
N TRP A 3 3.80 -0.06 -3.42
CA TRP A 3 3.74 0.55 -2.11
C TRP A 3 2.28 0.55 -1.65
N LEU A 4 1.88 -0.57 -1.06
CA LEU A 4 0.52 -0.71 -0.57
C LEU A 4 0.44 -0.24 0.88
N PRO A 5 -0.29 0.89 1.08
CA PRO A 5 -0.44 1.45 2.41
C PRO A 5 -1.42 0.63 3.25
N PRO A 6 -1.06 0.46 4.55
CA PRO A 6 -1.89 -0.31 5.46
C PRO A 6 -3.13 0.50 5.87
N ARG A 7 -4.25 -0.21 5.95
CA ARG A 7 -5.51 0.41 6.32
C ARG A 7 -5.68 1.75 5.60
N ALA A 1 -0.36 -1.56 -8.62
CA ALA A 1 0.08 -0.34 -7.98
C ALA A 1 1.38 -0.61 -7.21
N THR A 2 1.63 0.25 -6.22
CA THR A 2 2.83 0.11 -5.41
C THR A 2 2.58 0.69 -4.01
N TRP A 3 3.53 0.43 -3.12
CA TRP A 3 3.44 0.92 -1.76
C TRP A 3 2.02 0.64 -1.26
N LEU A 4 1.83 -0.57 -0.75
CA LEU A 4 0.53 -0.97 -0.24
C LEU A 4 0.46 -0.64 1.25
N PRO A 5 -0.43 0.34 1.58
CA PRO A 5 -0.62 0.76 2.96
C PRO A 5 -1.41 -0.28 3.75
N PRO A 6 -0.98 -0.50 5.01
CA PRO A 6 -1.63 -1.45 5.89
C PRO A 6 -2.96 -0.91 6.40
N ARG A 7 -3.86 -1.83 6.72
CA ARG A 7 -5.17 -1.45 7.22
C ARG A 7 -5.80 -2.62 7.98
N ALA A 1 -1.22 -1.90 -8.36
CA ALA A 1 -0.59 -0.71 -7.85
C ALA A 1 0.73 -1.08 -7.17
N THR A 2 1.19 -0.19 -6.31
CA THR A 2 2.44 -0.42 -5.60
C THR A 2 2.43 0.32 -4.26
N TRP A 3 3.43 0.03 -3.44
CA TRP A 3 3.53 0.65 -2.14
C TRP A 3 2.16 0.63 -1.48
N LEU A 4 1.87 -0.49 -0.82
CA LEU A 4 0.59 -0.66 -0.15
C LEU A 4 0.72 -0.17 1.29
N PRO A 5 0.00 0.94 1.59
CA PRO A 5 0.03 1.52 2.92
C PRO A 5 -0.80 0.69 3.90
N PRO A 6 -0.26 0.53 5.14
CA PRO A 6 -0.95 -0.24 6.16
C PRO A 6 -2.13 0.54 6.74
N ARG A 7 -2.99 -0.18 7.43
CA ARG A 7 -4.17 0.43 8.04
C ARG A 7 -3.84 0.91 9.45
N ALA A 1 -1.11 -1.87 -8.33
CA ALA A 1 -0.57 -0.64 -7.75
C ALA A 1 0.77 -0.94 -7.09
N THR A 2 1.17 -0.04 -6.19
CA THR A 2 2.43 -0.20 -5.49
C THR A 2 2.36 0.48 -4.12
N TRP A 3 3.38 0.22 -3.31
CA TRP A 3 3.45 0.81 -1.99
C TRP A 3 2.06 0.68 -1.34
N LEU A 4 1.82 -0.48 -0.74
CA LEU A 4 0.55 -0.73 -0.10
C LEU A 4 0.64 -0.29 1.37
N PRO A 5 -0.14 0.77 1.70
CA PRO A 5 -0.17 1.30 3.05
C PRO A 5 -0.97 0.39 3.98
N PRO A 6 -0.43 0.22 5.22
CA PRO A 6 -1.08 -0.63 6.21
C PRO A 6 -2.31 0.07 6.80
N ARG A 7 -3.20 -0.73 7.36
CA ARG A 7 -4.42 -0.21 7.96
C ARG A 7 -4.14 0.28 9.37
N ALA A 1 -0.70 -2.02 -8.42
CA ALA A 1 -0.18 -0.76 -7.93
C ALA A 1 1.14 -1.00 -7.20
N THR A 2 1.45 -0.10 -6.28
CA THR A 2 2.68 -0.20 -5.52
C THR A 2 2.53 0.47 -4.15
N TRP A 3 3.52 0.24 -3.30
CA TRP A 3 3.49 0.82 -1.96
C TRP A 3 2.09 0.63 -1.39
N LEU A 4 1.88 -0.54 -0.80
CA LEU A 4 0.59 -0.86 -0.21
C LEU A 4 0.59 -0.43 1.25
N PRO A 5 -0.25 0.60 1.55
CA PRO A 5 -0.37 1.11 2.91
C PRO A 5 -1.15 0.15 3.80
N PRO A 6 -0.67 0.00 5.05
CA PRO A 6 -1.33 -0.88 6.01
C PRO A 6 -2.61 -0.25 6.55
N ARG A 7 -3.64 -1.07 6.64
CA ARG A 7 -4.93 -0.61 7.12
C ARG A 7 -5.75 -1.79 7.64
N ALA A 1 -0.09 -1.86 -8.79
CA ALA A 1 0.68 -0.74 -8.27
C ALA A 1 1.77 -1.26 -7.33
N THR A 2 2.18 -0.40 -6.41
CA THR A 2 3.21 -0.76 -5.46
C THR A 2 3.04 0.05 -4.16
N TRP A 3 3.80 -0.35 -3.16
CA TRP A 3 3.74 0.31 -1.86
C TRP A 3 2.27 0.55 -1.52
N LEU A 4 1.67 -0.48 -0.92
CA LEU A 4 0.28 -0.41 -0.52
C LEU A 4 0.18 0.18 0.88
N PRO A 5 -0.70 1.22 1.01
CA PRO A 5 -0.89 1.88 2.28
C PRO A 5 -1.73 1.01 3.23
N PRO A 6 -1.34 1.00 4.52
CA PRO A 6 -2.04 0.23 5.52
C PRO A 6 -3.36 0.89 5.91
N ARG A 7 -4.39 0.06 6.06
CA ARG A 7 -5.70 0.56 6.42
C ARG A 7 -6.22 1.52 5.34
N ALA A 1 0.67 -2.04 -8.94
CA ALA A 1 1.24 -0.84 -8.40
C ALA A 1 2.32 -1.20 -7.38
N THR A 2 2.54 -0.28 -6.45
CA THR A 2 3.55 -0.49 -5.41
C THR A 2 3.18 0.29 -4.14
N TRP A 3 3.91 0.01 -3.09
CA TRP A 3 3.67 0.67 -1.81
C TRP A 3 2.17 0.67 -1.55
N LEU A 4 1.71 -0.43 -0.97
CA LEU A 4 0.30 -0.58 -0.66
C LEU A 4 0.03 -0.05 0.75
N PRO A 5 -0.73 1.08 0.81
CA PRO A 5 -1.07 1.69 2.08
C PRO A 5 -2.14 0.88 2.82
N PRO A 6 -1.73 0.31 3.99
CA PRO A 6 -2.63 -0.49 4.79
C PRO A 6 -3.63 0.40 5.54
N ARG A 7 -4.87 -0.05 5.58
CA ARG A 7 -5.92 0.68 6.25
C ARG A 7 -5.98 2.12 5.72
N ALA A 1 0.54 -2.05 -9.00
CA ALA A 1 1.05 -0.82 -8.41
C ALA A 1 2.17 -1.18 -7.41
N THR A 2 2.41 -0.27 -6.49
CA THR A 2 3.45 -0.47 -5.49
C THR A 2 3.11 0.30 -4.21
N TRP A 3 3.88 0.02 -3.17
CA TRP A 3 3.67 0.68 -1.89
C TRP A 3 2.17 0.66 -1.58
N LEU A 4 1.74 -0.45 -0.99
CA LEU A 4 0.34 -0.61 -0.63
C LEU A 4 0.12 -0.09 0.78
N PRO A 5 -0.66 1.02 0.87
CA PRO A 5 -0.96 1.64 2.15
C PRO A 5 -1.99 0.81 2.92
N PRO A 6 -1.55 0.24 4.07
CA PRO A 6 -2.43 -0.57 4.90
C PRO A 6 -3.41 0.30 5.68
N ARG A 7 -4.46 -0.33 6.18
CA ARG A 7 -5.47 0.38 6.94
C ARG A 7 -6.09 1.49 6.09
N ALA A 1 -0.47 -1.82 -8.72
CA ALA A 1 0.06 -0.59 -8.17
C ALA A 1 1.32 -0.91 -7.36
N THR A 2 1.65 0.00 -6.46
CA THR A 2 2.83 -0.17 -5.62
C THR A 2 2.64 0.56 -4.29
N TRP A 3 3.56 0.28 -3.37
CA TRP A 3 3.51 0.91 -2.06
C TRP A 3 2.11 0.72 -1.50
N LEU A 4 1.89 -0.43 -0.87
CA LEU A 4 0.60 -0.75 -0.28
C LEU A 4 0.57 -0.26 1.17
N PRO A 5 -0.29 0.76 1.41
CA PRO A 5 -0.43 1.32 2.74
C PRO A 5 -1.21 0.39 3.65
N PRO A 6 -0.51 -0.14 4.70
CA PRO A 6 -1.14 -1.04 5.64
C PRO A 6 -2.07 -0.28 6.61
N ARG A 7 -3.16 -0.93 6.96
CA ARG A 7 -4.13 -0.33 7.86
C ARG A 7 -3.76 -0.64 9.31
N ALA A 1 -0.85 -1.73 -8.37
CA ALA A 1 -0.38 -0.49 -7.77
C ALA A 1 0.94 -0.75 -7.03
N THR A 2 1.25 0.15 -6.10
CA THR A 2 2.47 0.03 -5.32
C THR A 2 2.29 0.70 -3.96
N TRP A 3 3.27 0.46 -3.10
CA TRP A 3 3.23 1.03 -1.75
C TRP A 3 1.85 0.73 -1.15
N LEU A 4 1.75 -0.45 -0.56
CA LEU A 4 0.50 -0.86 0.06
C LEU A 4 0.49 -0.44 1.53
N PRO A 5 -0.42 0.52 1.84
CA PRO A 5 -0.53 1.02 3.20
C PRO A 5 -1.23 0.01 4.10
N PRO A 6 -0.46 -0.51 5.09
CA PRO A 6 -0.99 -1.49 6.02
C PRO A 6 -1.92 -0.83 7.04
N ARG A 7 -3.18 -1.22 7.01
CA ARG A 7 -4.17 -0.69 7.92
C ARG A 7 -4.10 -1.38 9.28
N ALA A 1 -1.44 -0.62 -6.77
CA ALA A 1 -0.50 0.20 -7.50
C ALA A 1 0.82 0.26 -6.73
N THR A 2 1.26 -0.90 -6.28
CA THR A 2 2.50 -1.00 -5.54
C THR A 2 2.44 -0.13 -4.27
N TRP A 3 3.44 -0.29 -3.43
CA TRP A 3 3.50 0.46 -2.19
C TRP A 3 2.13 0.39 -1.51
N LEU A 4 1.95 -0.68 -0.75
CA LEU A 4 0.70 -0.88 -0.04
C LEU A 4 0.79 -0.25 1.34
N PRO A 5 -0.03 0.83 1.53
CA PRO A 5 -0.05 1.53 2.81
C PRO A 5 -0.80 0.73 3.87
N PRO A 6 -0.23 0.75 5.11
CA PRO A 6 -0.84 0.03 6.21
C PRO A 6 -2.08 0.75 6.73
N ARG A 7 -3.04 -0.03 7.19
CA ARG A 7 -4.28 0.52 7.70
C ARG A 7 -4.11 0.94 9.17
N ALA A 1 -0.66 -0.40 -7.38
CA ALA A 1 0.48 0.30 -7.96
C ALA A 1 1.66 0.24 -6.99
N THR A 2 1.89 -0.95 -6.46
CA THR A 2 2.98 -1.16 -5.52
C THR A 2 2.81 -0.25 -4.30
N TRP A 3 3.64 -0.50 -3.29
CA TRP A 3 3.59 0.28 -2.07
C TRP A 3 2.14 0.32 -1.59
N LEU A 4 1.77 -0.73 -0.84
CA LEU A 4 0.42 -0.82 -0.31
C LEU A 4 0.37 -0.16 1.07
N PRO A 5 -0.38 0.98 1.13
CA PRO A 5 -0.52 1.71 2.37
C PRO A 5 -1.47 0.98 3.33
N PRO A 6 -1.08 0.99 4.64
CA PRO A 6 -1.89 0.34 5.66
C PRO A 6 -3.13 1.16 5.99
N ARG A 7 -4.28 0.51 5.87
CA ARG A 7 -5.54 1.17 6.14
C ARG A 7 -5.52 2.61 5.63
N ALA A 1 -1.56 -0.24 -6.66
CA ALA A 1 -0.53 0.54 -7.33
C ALA A 1 0.75 0.50 -6.50
N THR A 2 1.10 -0.71 -6.06
CA THR A 2 2.29 -0.89 -5.26
C THR A 2 2.23 -0.04 -3.99
N TRP A 3 3.19 -0.29 -3.10
CA TRP A 3 3.25 0.44 -1.85
C TRP A 3 1.86 0.38 -1.20
N LEU A 4 1.65 -0.71 -0.46
CA LEU A 4 0.38 -0.90 0.22
C LEU A 4 0.46 -0.30 1.62
N PRO A 5 -0.34 0.79 1.82
CA PRO A 5 -0.37 1.46 3.11
C PRO A 5 -1.15 0.65 4.15
N PRO A 6 -0.61 0.63 5.39
CA PRO A 6 -1.25 -0.10 6.47
C PRO A 6 -2.48 0.63 6.98
N ARG A 7 -3.44 -0.15 7.46
CA ARG A 7 -4.67 0.42 7.98
C ARG A 7 -4.44 1.03 9.36
N ALA A 1 0.01 -0.23 -7.68
CA ALA A 1 1.10 0.64 -8.10
C ALA A 1 2.18 0.63 -7.02
N THR A 2 2.51 -0.57 -6.55
CA THR A 2 3.52 -0.72 -5.52
C THR A 2 3.13 0.05 -4.27
N TRP A 3 3.89 -0.19 -3.20
CA TRP A 3 3.63 0.48 -1.94
C TRP A 3 2.14 0.34 -1.62
N LEU A 4 1.80 -0.79 -1.00
CA LEU A 4 0.42 -1.06 -0.64
C LEU A 4 0.16 -0.52 0.77
N PRO A 5 -0.71 0.53 0.83
CA PRO A 5 -1.06 1.13 2.11
C PRO A 5 -2.02 0.24 2.89
N PRO A 6 -1.78 0.18 4.23
CA PRO A 6 -2.61 -0.62 5.11
C PRO A 6 -3.96 0.05 5.35
N ARG A 7 -4.93 -0.76 5.75
CA ARG A 7 -6.26 -0.26 6.01
C ARG A 7 -6.84 0.41 4.76
N ALA A 1 -0.37 0.03 -7.62
CA ALA A 1 0.70 0.89 -8.08
C ALA A 1 1.86 0.83 -7.08
N THR A 2 2.19 -0.38 -6.67
CA THR A 2 3.27 -0.59 -5.72
C THR A 2 2.98 0.16 -4.42
N TRP A 3 3.80 -0.13 -3.42
CA TRP A 3 3.64 0.51 -2.12
C TRP A 3 2.18 0.35 -1.69
N LEU A 4 1.90 -0.80 -1.07
CA LEU A 4 0.55 -1.09 -0.62
C LEU A 4 0.40 -0.60 0.82
N PRO A 5 -0.47 0.44 0.99
CA PRO A 5 -0.72 1.01 2.30
C PRO A 5 -1.61 0.09 3.14
N PRO A 6 -1.26 0.00 4.45
CA PRO A 6 -2.02 -0.84 5.36
C PRO A 6 -3.35 -0.19 5.72
N ARG A 7 -4.30 -1.03 6.11
CA ARG A 7 -5.62 -0.54 6.48
C ARG A 7 -6.19 0.34 5.38
N ALA A 1 -1.58 -0.45 -6.70
CA ALA A 1 -0.54 0.26 -7.43
C ALA A 1 0.77 0.21 -6.63
N THR A 2 1.08 -0.98 -6.13
CA THR A 2 2.28 -1.16 -5.34
C THR A 2 2.28 -0.24 -4.12
N TRP A 3 3.25 -0.47 -3.24
CA TRP A 3 3.35 0.32 -2.03
C TRP A 3 1.98 0.34 -1.34
N LEU A 4 1.74 -0.69 -0.55
CA LEU A 4 0.48 -0.81 0.17
C LEU A 4 0.61 -0.14 1.53
N PRO A 5 -0.15 0.99 1.69
CA PRO A 5 -0.13 1.73 2.94
C PRO A 5 -0.91 1.01 4.03
N PRO A 6 -0.35 1.03 5.26
CA PRO A 6 -0.99 0.39 6.39
C PRO A 6 -2.19 1.19 6.89
N ARG A 7 -3.14 0.48 7.46
CA ARG A 7 -4.35 1.11 7.98
C ARG A 7 -4.12 1.61 9.40
N ALA A 1 -1.78 -0.68 -6.37
CA ALA A 1 -0.95 0.26 -7.11
C ALA A 1 0.42 0.37 -6.43
N THR A 2 0.98 -0.77 -6.10
CA THR A 2 2.28 -0.81 -5.45
C THR A 2 2.24 0.00 -4.14
N TRP A 3 3.32 -0.13 -3.38
CA TRP A 3 3.42 0.58 -2.11
C TRP A 3 2.09 0.42 -1.37
N LEU A 4 1.98 -0.69 -0.65
CA LEU A 4 0.77 -0.98 0.11
C LEU A 4 0.92 -0.39 1.52
N PRO A 5 0.06 0.64 1.80
CA PRO A 5 0.09 1.28 3.10
C PRO A 5 -0.57 0.41 4.17
N PRO A 6 0.05 0.40 5.37
CA PRO A 6 -0.47 -0.39 6.48
C PRO A 6 -1.71 0.26 7.08
N ARG A 7 -2.81 -0.47 7.04
CA ARG A 7 -4.06 0.03 7.58
C ARG A 7 -4.09 -0.14 9.10
N ALA A 1 -1.50 -0.28 -6.72
CA ALA A 1 -0.55 0.61 -7.37
C ALA A 1 0.75 0.63 -6.57
N THR A 2 1.21 -0.56 -6.22
CA THR A 2 2.44 -0.69 -5.45
C THR A 2 2.35 0.10 -4.15
N TRP A 3 3.34 -0.11 -3.29
CA TRP A 3 3.37 0.57 -2.01
C TRP A 3 2.00 0.42 -1.35
N LEU A 4 1.83 -0.70 -0.67
CA LEU A 4 0.57 -0.98 0.02
C LEU A 4 0.64 -0.43 1.44
N PRO A 5 -0.20 0.61 1.69
CA PRO A 5 -0.25 1.23 3.01
C PRO A 5 -0.99 0.35 4.00
N PRO A 6 -0.45 0.30 5.25
CA PRO A 6 -1.04 -0.50 6.30
C PRO A 6 -2.31 0.17 6.85
N ARG A 7 -3.15 -0.65 7.45
CA ARG A 7 -4.40 -0.16 8.02
C ARG A 7 -4.19 0.23 9.48
#